data_2KRW
#
_entry.id   2KRW
#
_cell.length_a   1.000
_cell.length_b   1.000
_cell.length_c   1.000
_cell.angle_alpha   90.00
_cell.angle_beta   90.00
_cell.angle_gamma   90.00
#
_symmetry.space_group_name_H-M   'P 1'
#
_entity_poly.entity_id   1
_entity_poly.type   'polyribonucleotide'
_entity_poly.pdbx_seq_one_letter_code
;CUCGG(RSP)UACGAACCGAG
;
_entity_poly.pdbx_strand_id   A
#
loop_
_chem_comp.id
_chem_comp.type
_chem_comp.name
_chem_comp.formula
A RNA linking ADENOSINE-5'-MONOPHOSPHATE 'C10 H14 N5 O7 P'
C RNA linking CYTIDINE-5'-MONOPHOSPHATE 'C9 H14 N3 O8 P'
G RNA linking GUANOSINE-5'-MONOPHOSPHATE 'C10 H14 N5 O8 P'
RSP RNA linking 4-amino-1-(5-O-phosphono-beta-D-ribofuranosyl)pyrimidine-2(1H)-thione 'C9 H14 N3 O7 P S'
U RNA linking URIDINE-5'-MONOPHOSPHATE 'C9 H13 N2 O9 P'
#
# COMPACT_ATOMS: atom_id res chain seq x y z
P RSP A 6 1.79 2.36 -1.57
N1 RSP A 6 -2.16 -0.07 0.88
C2 RSP A 6 -3.08 -1.09 1.15
S2 RSP A 6 -4.03 -1.00 2.52
N3 RSP A 6 -3.18 -2.13 0.29
C4 RSP A 6 -2.41 -2.17 -0.80
N4 RSP A 6 -2.55 -3.21 -1.62
C5 RSP A 6 -1.46 -1.15 -1.09
C6 RSP A 6 -1.37 -0.13 -0.23
C1' RSP A 6 -2.07 1.06 1.82
C2' RSP A 6 -1.09 0.82 2.97
O2' RSP A 6 -1.57 1.50 4.12
C3' RSP A 6 0.17 1.48 2.43
O3' RSP A 6 1.07 1.85 3.47
C4' RSP A 6 -0.38 2.68 1.68
O4' RSP A 6 -1.64 2.21 1.12
C5' RSP A 6 0.50 3.19 0.56
O5' RSP A 6 1.00 2.10 -0.21
OP1 RSP A 6 2.97 3.19 -1.26
OP2 RSP A 6 1.97 1.04 -2.25
H5 RSP A 6 -0.83 -1.19 -1.98
H6 RSP A 6 -0.65 0.67 -0.42
H5' RSP A 6 -0.09 3.86 -0.07
H1' RSP A 6 -3.08 1.28 2.19
H2' RSP A 6 -0.93 -0.24 3.15
HO2' RSP A 6 -0.89 2.10 4.39
H3' RSP A 6 0.74 0.82 1.77
H4' RSP A 6 -0.50 3.48 2.41
HN4 RSP A 6 -1.97 -3.28 -2.45
HN4A RSP A 6 -3.22 -3.94 -1.41
H5'A RSP A 6 1.33 3.75 1.00
P RSP A 6 2.49 1.84 -2.40
N1 RSP A 6 -1.21 -0.63 -0.16
C2 RSP A 6 -2.21 -1.61 -0.08
S2 RSP A 6 -3.24 -1.62 1.25
N3 RSP A 6 -2.32 -2.53 -1.07
C4 RSP A 6 -1.46 -2.50 -2.10
N4 RSP A 6 -1.61 -3.41 -3.05
C5 RSP A 6 -0.44 -1.52 -2.20
C6 RSP A 6 -0.36 -0.61 -1.22
C1' RSP A 6 -1.11 0.37 0.92
C2' RSP A 6 -0.23 -0.06 2.08
O2' RSP A 6 -0.74 0.55 3.26
C3' RSP A 6 1.12 0.55 1.68
O3' RSP A 6 1.98 0.77 2.79
C4' RSP A 6 0.70 1.87 1.03
O4' RSP A 6 -0.56 1.56 0.37
C5' RSP A 6 1.67 2.43 0.03
O5' RSP A 6 2.00 1.43 -0.95
OP1 RSP A 6 3.79 2.54 -2.26
OP2 RSP A 6 2.39 0.65 -3.28
H5 RSP A 6 0.24 -1.49 -3.05
H6 RSP A 6 0.42 0.15 -1.26
H5' RSP A 6 2.57 2.74 0.54
H1' RSP A 6 -2.12 0.61 1.24
H2' RSP A 6 -0.15 -1.14 2.16
HO2' RSP A 6 -0.88 -0.16 3.90
H3' RSP A 6 1.67 -0.08 0.99
H4' RSP A 6 0.60 2.60 1.83
HN4 RSP A 6 -0.99 -3.43 -3.85
HN4A RSP A 6 -2.34 -4.11 -2.96
H5'A RSP A 6 1.22 3.29 -0.47
P RSP A 6 2.28 0.53 -2.69
N1 RSP A 6 -1.56 -0.66 0.45
C2 RSP A 6 -2.75 -1.30 0.81
S2 RSP A 6 -3.54 -0.83 2.21
N3 RSP A 6 -3.23 -2.29 0.03
C4 RSP A 6 -2.58 -2.65 -1.08
N4 RSP A 6 -3.11 -3.62 -1.83
C5 RSP A 6 -1.35 -2.02 -1.47
C6 RSP A 6 -0.89 -1.04 -0.67
C1' RSP A 6 -1.06 0.42 1.30
C2' RSP A 6 -0.07 -0.03 2.38
O2' RSP A 6 -0.21 0.83 3.50
C3' RSP A 6 1.27 0.20 1.68
O3' RSP A 6 2.34 0.38 2.60
C4' RSP A 6 1.01 1.47 0.88
O4' RSP A 6 -0.38 1.36 0.48
C5' RSP A 6 1.87 1.64 -0.35
O5' RSP A 6 1.76 0.50 -1.19
OP1 RSP A 6 3.73 0.88 -2.66
OP2 RSP A 6 1.85 -0.72 -3.36
H5 RSP A 6 -0.83 -2.32 -2.37
H6 RSP A 6 0.05 -0.55 -0.94
H5' RSP A 6 2.91 1.77 -0.04
H1' RSP A 6 -1.91 0.95 1.73
H2' RSP A 6 -0.20 -1.07 2.63
HO2' RSP A 6 0.66 1.15 3.73
H3' RSP A 6 1.55 -0.63 1.04
H4' RSP A 6 1.21 2.31 1.55
HN4 RSP A 6 -2.63 -3.92 -2.68
HN4A RSP A 6 -3.97 -4.05 -1.55
H5'A RSP A 6 1.55 2.53 -0.89
P RSP A 6 2.69 1.49 -2.43
N1 RSP A 6 -1.17 -0.51 0.34
C2 RSP A 6 -2.30 -1.29 0.61
S2 RSP A 6 -3.11 -1.11 2.07
N3 RSP A 6 -2.72 -2.18 -0.32
C4 RSP A 6 -2.05 -2.30 -1.48
N4 RSP A 6 -2.51 -3.18 -2.36
C5 RSP A 6 -0.90 -1.51 -1.76
C6 RSP A 6 -0.50 -0.64 -0.83
C1' RSP A 6 -0.73 0.46 1.37
C2' RSP A 6 0.24 -0.14 2.38
O2' RSP A 6 0.05 0.52 3.63
C3' RSP A 6 1.58 0.25 1.76
O3' RSP A 6 2.64 0.27 2.72
C4' RSP A 6 1.29 1.63 1.20
O4' RSP A 6 -0.07 1.53 0.72
C5' RSP A 6 2.19 2.08 0.08
O5' RSP A 6 2.21 1.11 -0.96
OP1 RSP A 6 4.06 2.06 -2.34
OP2 RSP A 6 2.44 0.32 -3.32
H5 RSP A 6 -0.37 -1.62 -2.71
H6 RSP A 6 0.38 -0.03 -1.02
H5' RSP A 6 3.20 2.23 0.46
H1' RSP A 6 -1.62 0.87 1.85
H2' RSP A 6 0.15 -1.22 2.46
HO2' RSP A 6 0.92 0.58 4.04
H3' RSP A 6 1.89 -0.45 0.98
H4' RSP A 6 1.41 2.34 2.02
HN4 RSP A 6 -2.03 -3.30 -3.25
HN4A RSP A 6 -3.32 -3.73 -2.16
H5'A RSP A 6 1.83 3.03 -0.31
P RSP A 6 2.60 1.30 -2.37
N1 RSP A 6 -1.27 -0.57 0.45
C2 RSP A 6 -2.42 -1.33 0.67
S2 RSP A 6 -3.22 -1.20 2.14
N3 RSP A 6 -2.84 -2.16 -0.30
C4 RSP A 6 -2.18 -2.24 -1.46
N4 RSP A 6 -2.64 -3.08 -2.38
C5 RSP A 6 -1.01 -1.47 -1.71
C6 RSP A 6 -0.59 -0.65 -0.73
C1' RSP A 6 -0.81 0.35 1.51
C2' RSP A 6 0.23 -0.27 2.45
O2' RSP A 6 0.08 0.30 3.73
C3' RSP A 6 1.53 0.18 1.78
O3' RSP A 6 2.63 0.23 2.69
C4' RSP A 6 1.18 1.58 1.27
O4' RSP A 6 -0.23 1.48 0.91
C5' RSP A 6 1.96 2.04 0.07
O5' RSP A 6 2.00 1.02 -0.92
OP1 RSP A 6 3.96 1.86 -2.20
OP2 RSP A 6 2.40 0.08 -3.20
H5 RSP A 6 -0.46 -1.54 -2.65
H6 RSP A 6 0.30 -0.05 -0.89
H5' RSP A 6 2.98 2.29 0.38
H1' RSP A 6 -1.68 0.69 2.07
H2' RSP A 6 0.17 -1.36 2.45
HO2' RSP A 6 0.42 -0.35 4.36
H3' RSP A 6 1.84 -0.47 0.98
H4' RSP A 6 1.37 2.27 2.09
HN4 RSP A 6 -2.15 -3.17 -3.28
HN4A RSP A 6 -3.47 -3.62 -2.20
H5'A RSP A 6 1.49 2.94 -0.35
P RSP A 6 2.10 1.51 -3.18
N1 RSP A 6 -1.35 -0.23 -0.02
C2 RSP A 6 -2.40 -1.05 0.42
S2 RSP A 6 -3.19 -0.67 1.84
N3 RSP A 6 -2.75 -2.13 -0.32
C4 RSP A 6 -2.09 -2.40 -1.45
N4 RSP A 6 -2.46 -3.47 -2.16
C5 RSP A 6 -1.01 -1.58 -1.92
C6 RSP A 6 -0.69 -0.52 -1.18
C1' RSP A 6 -1.00 0.95 0.78
C2' RSP A 6 -0.07 0.64 1.96
O2' RSP A 6 -0.36 1.54 3.01
C3' RSP A 6 1.30 0.95 1.34
O3' RSP A 6 2.28 1.27 2.32
C4' RSP A 6 0.99 2.15 0.46
O4' RSP A 6 -0.34 1.88 -0.06
C5' RSP A 6 1.94 2.37 -0.70
O5' RSP A 6 1.85 1.28 -1.62
OP1 RSP A 6 3.42 2.17 -3.34
OP2 RSP A 6 1.83 0.23 -3.88
H5 RSP A 6 -0.49 -1.81 -2.85
H6 RSP A 6 0.14 0.12 -1.49
H5' RSP A 6 2.95 2.45 -0.31
H1' RSP A 6 -1.92 1.43 1.11
H2' RSP A 6 -0.12 -0.40 2.26
HO2' RSP A 6 0.40 2.10 3.12
H3' RSP A 6 1.70 0.12 0.76
H4' RSP A 6 1.05 3.03 1.10
HN4 RSP A 6 -1.99 -3.70 -3.02
HN4A RSP A 6 -3.23 -4.05 -1.82
H5'A RSP A 6 1.68 3.30 -1.20
P RSP A 6 2.43 1.36 -2.54
N1 RSP A 6 -1.32 -0.28 0.37
C2 RSP A 6 -2.45 -1.07 0.64
S2 RSP A 6 -3.30 -0.82 2.04
N3 RSP A 6 -2.80 -2.01 -0.26
C4 RSP A 6 -2.10 -2.19 -1.37
N4 RSP A 6 -2.49 -3.13 -2.24
C5 RSP A 6 -0.94 -1.40 -1.66
C6 RSP A 6 -0.59 -0.47 -0.77
C1' RSP A 6 -0.96 0.77 1.34
C2' RSP A 6 0.06 0.31 2.40
O2' RSP A 6 -0.18 1.04 3.58
C3' RSP A 6 1.37 0.73 1.75
O3' RSP A 6 2.41 0.93 2.71
C4' RSP A 6 1.00 2.03 1.04
O4' RSP A 6 -0.38 1.85 0.64
C5' RSP A 6 1.83 2.36 -0.17
O5' RSP A 6 1.91 1.22 -1.03
OP1 RSP A 6 3.82 1.89 -2.49
OP2 RSP A 6 2.15 0.07 -3.24
H5 RSP A 6 -0.36 -1.56 -2.57
H6 RSP A 6 0.29 0.14 -0.95
H5' RSP A 6 2.84 2.65 0.15
H1' RSP A 6 -1.87 1.13 1.80
H2' RSP A 6 0.03 -0.77 2.55
HO2' RSP A 6 0.66 1.40 3.86
H3' RSP A 6 1.75 -0.01 1.05
H4' RSP A 6 1.14 2.83 1.77
HN4 RSP A 6 -1.98 -3.28 -3.09
HN4A RSP A 6 -3.31 -3.68 -2.02
H5'A RSP A 6 1.37 3.19 -0.71
P RSP A 6 2.00 1.03 -2.69
N1 RSP A 6 -1.47 -0.31 0.61
C2 RSP A 6 -2.59 -1.06 1.00
S2 RSP A 6 -3.33 -0.72 2.47
N3 RSP A 6 -3.04 -2.04 0.19
C4 RSP A 6 -2.42 -2.29 -0.97
N4 RSP A 6 -2.90 -3.26 -1.74
C5 RSP A 6 -1.28 -1.55 -1.38
C6 RSP A 6 -0.84 -0.59 -0.57
C1' RSP A 6 -1.01 0.77 1.49
C2' RSP A 6 0.04 0.33 2.52
O2' RSP A 6 -0.09 1.15 3.67
C3' RSP A 6 1.33 0.63 1.77
O3' RSP A 6 2.43 0.84 2.66
C4' RSP A 6 1.00 1.89 1.00
O4' RSP A 6 -0.41 1.77 0.69
C5' RSP A 6 1.76 2.08 -0.30
O5' RSP A 6 1.51 0.98 -1.18
OP1 RSP A 6 3.40 1.51 -2.72
OP2 RSP A 6 1.67 -0.27 -3.33
H5 RSP A 6 -0.77 -1.76 -2.33
H6 RSP A 6 0.04 0.00 -0.85
H5' RSP A 6 2.82 2.14 -0.08
H1' RSP A 6 -1.88 1.22 1.97
H2' RSP A 6 -0.04 -0.73 2.75
HO2' RSP A 6 0.79 1.44 3.89
H3' RSP A 6 1.63 -0.18 1.11
H4' RSP A 6 1.24 2.73 1.65
HN4 RSP A 6 -2.46 -3.47 -2.62
HN4A RSP A 6 -3.71 -3.79 -1.45
H5'A RSP A 6 1.45 3.01 -0.77
P RSP A 6 3.18 1.51 -2.63
N1 RSP A 6 -0.72 -0.82 -0.74
C2 RSP A 6 -1.68 -1.83 -0.69
S2 RSP A 6 -2.87 -1.78 0.49
N3 RSP A 6 -1.63 -2.83 -1.60
C4 RSP A 6 -0.67 -2.84 -2.53
N4 RSP A 6 -0.66 -3.85 -3.41
C5 RSP A 6 0.33 -1.83 -2.59
C6 RSP A 6 0.26 -0.84 -1.69
C1' RSP A 6 -0.80 0.27 0.25
C2' RSP A 6 -0.14 -0.07 1.59
O2' RSP A 6 -0.85 0.62 2.61
C3' RSP A 6 1.26 0.49 1.40
O3' RSP A 6 1.90 0.79 2.63
C4' RSP A 6 1.01 1.74 0.57
O4' RSP A 6 -0.12 1.40 -0.28
C5' RSP A 6 2.16 2.20 -0.29
O5' RSP A 6 2.51 1.16 -1.22
OP1 RSP A 6 4.47 2.20 -2.35
OP2 RSP A 6 3.17 0.28 -3.46
H5 RSP A 6 1.11 -1.85 -3.35
H6 RSP A 6 1.01 -0.05 -1.71
H5' RSP A 6 3.01 2.42 0.34
H1' RSP A 6 -1.84 0.55 0.36
H2' RSP A 6 -0.11 -1.15 1.76
HO2' RSP A 6 -1.02 -0.02 3.31
H3' RSP A 6 1.92 -0.21 0.88
H4' RSP A 6 0.79 2.54 1.28
HN4 RSP A 6 0.05 -3.89 -4.12
HN4A RSP A 6 -1.36 -4.57 -3.34
H5'A RSP A 6 1.86 3.09 -0.84
P RSP A 6 2.43 1.56 -2.95
N1 RSP A 6 -0.96 -0.42 0.15
C2 RSP A 6 -2.02 -1.26 0.51
S2 RSP A 6 -2.80 -1.00 1.97
N3 RSP A 6 -2.40 -2.24 -0.33
C4 RSP A 6 -1.77 -2.42 -1.49
N4 RSP A 6 -2.18 -3.40 -2.29
C5 RSP A 6 -0.68 -1.59 -1.89
C6 RSP A 6 -0.32 -0.61 -1.04
C1' RSP A 6 -0.55 0.65 1.07
C2' RSP A 6 0.41 0.18 2.16
O2' RSP A 6 0.20 0.98 3.31
C3' RSP A 6 1.75 0.48 1.51
O3' RSP A 6 2.81 0.60 2.46
C4' RSP A 6 1.47 1.79 0.80
O4' RSP A 6 0.11 1.66 0.33
C5' RSP A 6 2.38 2.11 -0.38
O5' RSP A 6 2.16 1.17 -1.43
OP1 RSP A 6 3.75 2.22 -3.03
OP2 RSP A 6 2.15 0.37 -3.79
H5 RSP A 6 -0.17 -1.73 -2.84
H6 RSP A 6 0.51 0.05 -1.31
H5' RSP A 6 3.41 2.06 -0.05
H1' RSP A 6 -1.46 1.10 1.48
H2' RSP A 6 0.31 -0.88 2.36
HO2' RSP A 6 1.05 1.03 3.76
H3' RSP A 6 2.06 -0.29 0.81
H4' RSP A 6 1.60 2.59 1.54
HN4 RSP A 6 -1.71 -3.56 -3.17
HN4A RSP A 6 -2.94 -3.99 -2.00
H5'A RSP A 6 2.17 3.12 -0.74
P RSP A 6 2.63 0.89 -2.83
N1 RSP A 6 -1.15 -0.57 0.13
C2 RSP A 6 -2.31 -1.30 0.42
S2 RSP A 6 -3.16 -0.96 1.82
N3 RSP A 6 -2.71 -2.26 -0.44
C4 RSP A 6 -2.01 -2.51 -1.55
N4 RSP A 6 -2.46 -3.45 -2.37
C5 RSP A 6 -0.83 -1.78 -1.87
C6 RSP A 6 -0.42 -0.84 -1.00
C1' RSP A 6 -0.72 0.48 1.06
C2' RSP A 6 0.19 -0.02 2.19
O2' RSP A 6 -0.04 0.76 3.34
C3' RSP A 6 1.57 0.24 1.60
O3' RSP A 6 2.57 0.38 2.60
C4' RSP A 6 1.36 1.53 0.82
O4' RSP A 6 0.00 1.46 0.34
C5' RSP A 6 2.29 1.73 -0.35
O5' RSP A 6 2.06 0.74 -1.34
OP1 RSP A 6 4.03 1.36 -2.72
OP2 RSP A 6 2.33 -0.35 -3.57
H5 RSP A 6 -0.26 -1.99 -2.77
H6 RSP A 6 0.48 -0.27 -1.21
H5' RSP A 6 3.33 1.67 -0.01
H1' RSP A 6 -1.61 0.96 1.45
H2' RSP A 6 0.04 -1.09 2.38
HO2' RSP A 6 0.13 0.21 4.10
H3' RSP A 6 1.91 -0.57 0.95
H4' RSP A 6 1.54 2.34 1.52
HN4 RSP A 6 -1.95 -3.67 -3.22
HN4A RSP A 6 -3.30 -3.96 -2.14
H5'A RSP A 6 2.13 2.72 -0.78
#